data_6Z9D
#
_entry.id   6Z9D
#
_cell.length_a   53.226
_cell.length_b   94.254
_cell.length_c   235.428
_cell.angle_alpha   90.000
_cell.angle_beta   90.000
_cell.angle_gamma   90.000
#
_symmetry.space_group_name_H-M   'C 2 2 21'
#
loop_
_entity.id
_entity.type
_entity.pdbx_description
1 polymer "5'-nucleotidase"
2 non-polymer 'ZINC ION'
3 non-polymer 'CALCIUM ION'
4 non-polymer '[[(2~{R},3~{S},4~{R},5~{R})-5-[6-chloranyl-4-[[(1~{S})-1-(2-fluorophenyl)ethyl]amino]pyrazolo[3,4-b]pyridin-1-yl]-3,4-bis(oxidanyl)oxolan-2-yl]methoxy-oxidanyl-phosphoryl]methylphosphonic acid'
5 water water
#
_entity_poly.entity_id   1
_entity_poly.type   'polypeptide(L)'
_entity_poly.pdbx_seq_one_letter_code
;MEWSWVFLFFLSVTTGVHSWELTILHTNDVHSRLEQTSEDSSKCVDASRCMGGVARLFTKVQQIRRAEPNVLLLDAGDQY
QGTIWFTVYKGAEVAHFMNALRYDAMALGNHEFDNGVEGLIEPLLKEAKFPILSANIKAKGPLASQISGLYLPYKVLPVG
DEVVGIVGYTSKETPFLSNPGTNLVFEDEITALQPEVDKLKTLNVNKIIALGHSGFEMDKLIAQKVRGVDVVVGGHSNTF
LYTGNPPSKEVPAGKYPFIVTSDDGRKVPVVQAYAFGKYLGYLKIEFDERGNVISSHGNPILLDSSIPEDPSIKADINKW
RIKLDDYSTQELGKTIVYLDGSSQSCRFRECNMGNLICDAMINNNLRHTDEMFWNHVSMCILNGGGIRSPIDERNDGTIT
WENLAAVLPFGGTFDLVQLKGSTLKKAFEHSVHRYGQSTGEFLQVGGIHVVYDLSRKPGDRVVKLDVLCTKCRVPSYDPL
KMDEVYKVILPNFLANGGDGFQMIKDELLRHDSGDQDINVVSTYISKMKVIYPAVEGRIKFSGGGGAGGGGHHHHHH
;
_entity_poly.pdbx_strand_id   A
#
loop_
_chem_comp.id
_chem_comp.type
_chem_comp.name
_chem_comp.formula
CA non-polymer 'CALCIUM ION' 'Ca 2'
QDH non-polymer '[[(2~{R},3~{S},4~{R},5~{R})-5-[6-chloranyl-4-[[(1~{S})-1-(2-fluorophenyl)ethyl]amino]pyrazolo[3,4-b]pyridin-1-yl]-3,4-bis(oxidanyl)oxolan-2-yl]methoxy-oxidanyl-phosphoryl]methylphosphonic acid' 'C20 H24 Cl F N4 O9 P2'
ZN non-polymer 'ZINC ION' 'Zn 2'
#
# COMPACT_ATOMS: atom_id res chain seq x y z
N TRP A 20 17.11 23.28 19.97
CA TRP A 20 16.72 23.53 18.60
C TRP A 20 15.57 22.59 18.26
N GLU A 21 14.43 23.15 17.91
CA GLU A 21 13.22 22.40 17.61
C GLU A 21 13.00 22.21 16.09
N LEU A 22 12.64 20.97 15.69
CA LEU A 22 12.38 20.55 14.32
C LEU A 22 10.98 19.99 14.20
N THR A 23 10.24 20.45 13.17
CA THR A 23 8.90 19.95 12.85
C THR A 23 9.00 19.06 11.62
N ILE A 24 8.68 17.77 11.80
CA ILE A 24 8.67 16.81 10.70
C ILE A 24 7.23 16.59 10.34
N LEU A 25 6.88 16.95 9.11
CA LEU A 25 5.58 16.72 8.47
C LEU A 25 5.79 15.55 7.55
N HIS A 26 4.96 14.52 7.62
CA HIS A 26 5.22 13.36 6.78
C HIS A 26 4.00 12.62 6.25
N THR A 27 4.13 12.12 5.01
CA THR A 27 3.10 11.30 4.36
C THR A 27 3.71 9.98 3.94
N ASN A 28 2.88 8.95 3.78
CA ASN A 28 3.35 7.67 3.29
C ASN A 28 2.19 6.96 2.65
N ASP A 29 2.45 6.11 1.65
CA ASP A 29 1.40 5.30 1.06
C ASP A 29 0.20 6.10 0.55
N VAL A 30 0.45 7.26 -0.01
CA VAL A 30 -0.57 8.17 -0.55
C VAL A 30 -1.38 7.43 -1.64
N HIS A 31 -0.66 6.62 -2.42
CA HIS A 31 -1.16 5.73 -3.46
C HIS A 31 -2.11 6.40 -4.44
N SER A 32 -1.62 7.49 -5.09
CA SER A 32 -2.31 8.27 -6.12
C SER A 32 -3.60 8.94 -5.64
N ARG A 33 -3.77 9.18 -4.31
CA ARG A 33 -4.94 9.92 -3.83
C ARG A 33 -4.66 11.41 -3.93
N LEU A 34 -4.48 11.89 -5.16
CA LEU A 34 -4.17 13.29 -5.48
C LEU A 34 -5.32 14.21 -5.22
N GLU A 35 -6.54 13.74 -5.47
CA GLU A 35 -7.76 14.50 -5.22
C GLU A 35 -8.29 14.08 -3.86
N GLN A 36 -9.19 14.86 -3.29
CA GLN A 36 -9.84 14.51 -2.03
C GLN A 36 -10.69 13.24 -2.23
N THR A 37 -10.84 12.44 -1.18
CA THR A 37 -11.53 11.16 -1.28
C THR A 37 -12.65 11.08 -0.27
N SER A 38 -13.41 9.99 -0.35
CA SER A 38 -14.39 9.63 0.66
C SER A 38 -13.55 9.17 1.89
N GLU A 39 -14.16 9.11 3.09
CA GLU A 39 -13.49 8.66 4.31
C GLU A 39 -12.82 7.28 4.16
N ASP A 40 -13.36 6.39 3.29
CA ASP A 40 -12.82 5.03 3.05
C ASP A 40 -11.71 5.01 1.98
N SER A 41 -11.43 6.18 1.40
CA SER A 41 -10.40 6.52 0.43
C SER A 41 -10.77 6.27 -1.04
N SER A 42 -12.04 5.90 -1.31
CA SER A 42 -12.60 5.77 -2.67
C SER A 42 -12.98 7.17 -3.20
N LYS A 43 -13.57 7.25 -4.43
CA LYS A 43 -13.86 8.53 -5.06
C LYS A 43 -14.77 9.45 -4.25
N CYS A 44 -14.40 10.75 -4.21
CA CYS A 44 -15.16 11.77 -3.52
C CYS A 44 -16.50 11.93 -4.20
N VAL A 45 -17.55 11.57 -3.48
CA VAL A 45 -18.92 11.70 -3.98
C VAL A 45 -19.53 12.88 -3.24
N ASP A 46 -19.65 12.78 -1.90
CA ASP A 46 -20.21 13.86 -1.07
C ASP A 46 -19.08 14.83 -0.66
N ALA A 47 -18.81 15.86 -1.50
CA ALA A 47 -17.73 16.84 -1.27
C ALA A 47 -17.68 17.44 0.14
N SER A 48 -18.85 17.73 0.76
CA SER A 48 -18.96 18.28 2.11
C SER A 48 -18.27 17.47 3.24
N ARG A 49 -18.03 16.18 3.02
CA ARG A 49 -17.38 15.32 4.02
C ARG A 49 -16.18 14.60 3.44
N CYS A 50 -15.61 15.15 2.37
CA CYS A 50 -14.44 14.52 1.78
C CYS A 50 -13.15 14.86 2.53
N MET A 51 -12.12 14.04 2.34
CA MET A 51 -10.85 14.09 3.07
C MET A 51 -9.60 14.04 2.19
N GLY A 52 -8.45 14.40 2.79
CA GLY A 52 -7.13 14.41 2.15
C GLY A 52 -7.04 15.10 0.82
N GLY A 53 -6.16 14.63 -0.05
CA GLY A 53 -5.92 15.27 -1.34
C GLY A 53 -4.75 16.23 -1.18
N VAL A 54 -4.03 16.52 -2.27
CA VAL A 54 -2.85 17.39 -2.19
C VAL A 54 -3.20 18.87 -1.96
N ALA A 55 -4.44 19.30 -2.35
CA ALA A 55 -4.86 20.71 -2.19
C ALA A 55 -5.11 21.02 -0.74
N ARG A 56 -5.73 20.06 0.00
CA ARG A 56 -6.00 20.19 1.43
C ARG A 56 -4.67 20.07 2.20
N LEU A 57 -3.84 19.10 1.79
CA LEU A 57 -2.51 18.88 2.37
C LEU A 57 -1.69 20.20 2.28
N PHE A 58 -1.69 20.84 1.09
CA PHE A 58 -0.99 22.10 0.89
C PHE A 58 -1.43 23.17 1.90
N THR A 59 -2.75 23.38 2.11
CA THR A 59 -3.25 24.36 3.08
C THR A 59 -2.64 24.14 4.48
N LYS A 60 -2.76 22.92 5.01
CA LYS A 60 -2.26 22.52 6.32
C LYS A 60 -0.74 22.68 6.46
N VAL A 61 0.03 22.28 5.44
CA VAL A 61 1.49 22.39 5.45
C VAL A 61 1.87 23.88 5.54
N GLN A 62 1.25 24.71 4.69
CA GLN A 62 1.43 26.16 4.60
CA GLN A 62 1.49 26.14 4.64
C GLN A 62 1.19 26.81 5.97
N GLN A 63 0.12 26.39 6.65
CA GLN A 63 -0.29 26.87 7.97
C GLN A 63 0.80 26.50 8.98
N ILE A 64 1.38 25.29 8.89
CA ILE A 64 2.46 24.90 9.81
C ILE A 64 3.78 25.64 9.49
N ARG A 65 4.06 25.88 8.19
CA ARG A 65 5.28 26.61 7.77
C ARG A 65 5.26 28.08 8.25
N ARG A 66 4.07 28.69 8.36
CA ARG A 66 3.90 30.04 8.87
C ARG A 66 4.20 30.06 10.38
N ALA A 67 3.65 29.07 11.12
CA ALA A 67 3.78 28.91 12.56
C ALA A 67 5.17 28.46 13.05
N GLU A 68 5.84 27.54 12.31
CA GLU A 68 7.11 26.94 12.71
C GLU A 68 8.32 27.32 11.82
N PRO A 69 9.50 27.65 12.40
CA PRO A 69 10.64 28.02 11.55
C PRO A 69 11.41 26.85 10.94
N ASN A 70 11.52 25.70 11.63
CA ASN A 70 12.28 24.52 11.15
C ASN A 70 11.37 23.37 10.77
N VAL A 71 10.95 23.37 9.51
CA VAL A 71 10.00 22.40 8.97
C VAL A 71 10.61 21.54 7.87
N LEU A 72 10.31 20.23 7.92
CA LEU A 72 10.68 19.28 6.87
C LEU A 72 9.43 18.53 6.46
N LEU A 73 9.15 18.52 5.15
CA LEU A 73 8.05 17.79 4.59
C LEU A 73 8.65 16.54 3.91
N LEU A 74 8.36 15.35 4.48
CA LEU A 74 8.90 14.07 3.99
C LEU A 74 7.84 13.13 3.51
N ASP A 75 8.22 12.26 2.55
CA ASP A 75 7.34 11.22 2.07
C ASP A 75 8.07 9.91 2.22
N ALA A 76 7.42 8.94 2.88
CA ALA A 76 8.03 7.64 3.07
C ALA A 76 7.68 6.57 1.99
N GLY A 77 7.43 7.02 0.76
CA GLY A 77 7.19 6.10 -0.35
C GLY A 77 5.76 5.69 -0.63
N ASP A 78 5.58 5.01 -1.79
CA ASP A 78 4.32 4.47 -2.32
C ASP A 78 3.34 5.59 -2.68
N GLN A 79 3.87 6.60 -3.38
CA GLN A 79 3.11 7.67 -3.99
C GLN A 79 2.49 7.06 -5.27
N TYR A 80 3.29 6.18 -5.94
CA TYR A 80 2.92 5.43 -7.14
C TYR A 80 1.81 4.41 -6.86
N GLN A 81 0.98 4.15 -7.88
CA GLN A 81 -0.09 3.16 -7.97
C GLN A 81 -1.29 3.40 -7.04
N GLY A 82 -2.50 3.36 -7.59
CA GLY A 82 -3.69 3.47 -6.76
C GLY A 82 -4.96 4.00 -7.41
N THR A 83 -4.85 4.98 -8.29
CA THR A 83 -6.03 5.53 -8.96
C THR A 83 -5.70 5.79 -10.41
N ILE A 84 -6.72 6.19 -11.18
CA ILE A 84 -6.67 6.50 -12.59
C ILE A 84 -5.59 7.55 -12.91
N TRP A 85 -5.21 8.38 -11.90
CA TRP A 85 -4.16 9.41 -11.98
C TRP A 85 -2.81 8.78 -12.36
N PHE A 86 -2.48 7.63 -11.74
CA PHE A 86 -1.26 6.91 -12.03
C PHE A 86 -1.38 6.08 -13.30
N THR A 87 -2.55 5.48 -13.54
CA THR A 87 -2.81 4.66 -14.71
C THR A 87 -2.51 5.47 -15.98
N VAL A 88 -2.94 6.74 -15.98
CA VAL A 88 -2.81 7.67 -17.11
C VAL A 88 -1.47 8.43 -17.11
N TYR A 89 -1.17 9.18 -16.02
CA TYR A 89 0.00 10.05 -15.95
C TYR A 89 1.33 9.33 -15.61
N LYS A 90 1.26 8.08 -15.09
CA LYS A 90 2.39 7.18 -14.81
C LYS A 90 3.54 7.78 -13.96
N GLY A 91 3.21 8.58 -12.95
CA GLY A 91 4.20 9.16 -12.05
C GLY A 91 4.49 10.63 -12.32
N ALA A 92 4.09 11.15 -13.51
CA ALA A 92 4.31 12.56 -13.88
C ALA A 92 3.55 13.50 -12.94
N GLU A 93 2.41 13.02 -12.41
CA GLU A 93 1.52 13.69 -11.48
C GLU A 93 2.16 13.71 -10.11
N VAL A 94 2.89 12.62 -9.75
CA VAL A 94 3.63 12.51 -8.49
C VAL A 94 4.75 13.54 -8.45
N ALA A 95 5.60 13.60 -9.49
CA ALA A 95 6.68 14.56 -9.55
C ALA A 95 6.08 15.98 -9.46
N HIS A 96 5.10 16.29 -10.32
CA HIS A 96 4.45 17.61 -10.42
C HIS A 96 3.80 18.12 -9.13
N PHE A 97 2.92 17.31 -8.51
CA PHE A 97 2.22 17.75 -7.31
C PHE A 97 3.13 17.70 -6.04
N MET A 98 4.12 16.80 -6.00
CA MET A 98 5.04 16.76 -4.86
C MET A 98 5.95 17.99 -4.89
N ASN A 99 6.28 18.47 -6.11
CA ASN A 99 7.07 19.68 -6.32
C ASN A 99 6.28 20.91 -5.89
N ALA A 100 4.96 20.99 -6.26
CA ALA A 100 4.10 22.11 -5.88
C ALA A 100 3.90 22.21 -4.35
N LEU A 101 3.95 21.07 -3.64
CA LEU A 101 3.86 21.02 -2.19
C LEU A 101 5.23 21.27 -1.52
N ARG A 102 6.30 21.31 -2.33
CA ARG A 102 7.66 21.57 -1.87
C ARG A 102 8.12 20.54 -0.84
N TYR A 103 7.98 19.25 -1.19
CA TYR A 103 8.48 18.15 -0.34
C TYR A 103 10.00 18.31 -0.24
N ASP A 104 10.60 17.93 0.89
CA ASP A 104 12.06 18.09 1.11
C ASP A 104 12.85 16.87 0.70
N ALA A 105 12.23 15.68 0.80
CA ALA A 105 12.85 14.42 0.44
C ALA A 105 11.79 13.33 0.36
N MET A 106 12.11 12.25 -0.35
CA MET A 106 11.23 11.11 -0.45
C MET A 106 12.06 9.85 -0.46
N ALA A 107 11.61 8.81 0.24
CA ALA A 107 12.23 7.49 0.24
C ALA A 107 11.47 6.69 -0.78
N LEU A 108 12.18 5.81 -1.52
CA LEU A 108 11.56 4.94 -2.51
C LEU A 108 10.82 3.82 -1.83
N GLY A 109 9.61 3.55 -2.30
CA GLY A 109 8.75 2.46 -1.84
C GLY A 109 8.68 1.38 -2.90
N ASN A 110 8.08 0.22 -2.59
CA ASN A 110 7.95 -0.86 -3.58
C ASN A 110 7.12 -0.49 -4.80
N HIS A 111 6.04 0.29 -4.63
CA HIS A 111 5.18 0.67 -5.78
C HIS A 111 5.85 1.63 -6.74
N GLU A 112 6.98 2.22 -6.34
CA GLU A 112 7.77 3.07 -7.23
C GLU A 112 8.44 2.26 -8.36
N PHE A 113 8.45 0.90 -8.27
CA PHE A 113 9.04 -0.04 -9.24
C PHE A 113 7.99 -0.81 -10.06
N ASP A 114 6.72 -0.45 -9.92
CA ASP A 114 5.60 -1.11 -10.56
C ASP A 114 5.66 -1.08 -12.09
N ASN A 115 6.18 0.03 -12.67
CA ASN A 115 6.34 0.24 -14.10
C ASN A 115 7.80 -0.02 -14.48
N GLY A 116 8.50 -0.75 -13.61
CA GLY A 116 9.91 -1.05 -13.81
C GLY A 116 10.77 0.15 -13.52
N VAL A 117 12.12 -0.01 -13.64
CA VAL A 117 13.08 1.08 -13.39
C VAL A 117 12.92 2.21 -14.39
N GLU A 118 12.55 1.90 -15.65
CA GLU A 118 12.30 2.90 -16.69
C GLU A 118 11.12 3.82 -16.30
N GLY A 119 10.08 3.24 -15.69
CA GLY A 119 8.89 3.94 -15.24
C GLY A 119 9.08 4.74 -13.95
N LEU A 120 10.27 4.65 -13.35
CA LEU A 120 10.63 5.35 -12.14
C LEU A 120 11.58 6.48 -12.50
N ILE A 121 12.57 6.17 -13.37
CA ILE A 121 13.60 7.08 -13.87
C ILE A 121 13.01 8.23 -14.66
N GLU A 122 12.25 7.93 -15.74
CA GLU A 122 11.77 8.97 -16.65
C GLU A 122 10.68 9.89 -16.02
N PRO A 123 9.58 9.39 -15.41
CA PRO A 123 8.61 10.35 -14.85
C PRO A 123 8.98 10.94 -13.49
N LEU A 124 9.60 10.16 -12.57
CA LEU A 124 9.84 10.68 -11.23
C LEU A 124 11.28 11.07 -10.94
N LEU A 125 12.26 10.14 -11.04
CA LEU A 125 13.64 10.44 -10.69
C LEU A 125 14.22 11.63 -11.45
N LYS A 126 13.86 11.80 -12.73
CA LYS A 126 14.35 12.90 -13.56
C LYS A 126 13.57 14.22 -13.39
N GLU A 127 12.35 14.18 -12.79
CA GLU A 127 11.51 15.37 -12.65
C GLU A 127 11.35 15.96 -11.21
N ALA A 128 11.68 15.20 -10.15
CA ALA A 128 11.56 15.70 -8.78
C ALA A 128 12.54 16.84 -8.46
N LYS A 129 12.06 17.90 -7.77
CA LYS A 129 12.86 19.04 -7.32
C LYS A 129 13.40 18.81 -5.89
N PHE A 130 13.38 17.56 -5.42
CA PHE A 130 13.81 17.16 -4.08
C PHE A 130 14.58 15.84 -4.13
N PRO A 131 15.49 15.55 -3.18
CA PRO A 131 16.19 14.26 -3.23
C PRO A 131 15.29 13.05 -3.02
N ILE A 132 15.52 11.98 -3.81
CA ILE A 132 14.85 10.70 -3.68
C ILE A 132 15.89 9.73 -3.16
N LEU A 133 15.57 9.07 -2.05
CA LEU A 133 16.48 8.26 -1.27
C LEU A 133 16.19 6.79 -1.07
N SER A 134 17.28 6.02 -1.00
CA SER A 134 17.28 4.61 -0.64
C SER A 134 18.73 4.16 -0.54
N ALA A 135 19.17 3.75 0.65
CA ALA A 135 20.55 3.33 0.88
C ALA A 135 20.79 1.83 0.71
N ASN A 136 19.72 1.01 0.71
CA ASN A 136 19.87 -0.43 0.57
C ASN A 136 19.57 -0.94 -0.84
N ILE A 137 19.36 -0.05 -1.83
CA ILE A 137 19.12 -0.46 -3.21
C ILE A 137 20.44 -0.31 -3.97
N LYS A 138 20.97 -1.42 -4.51
CA LYS A 138 22.24 -1.37 -5.23
C LYS A 138 22.03 -1.75 -6.68
N ALA A 139 22.53 -0.92 -7.59
CA ALA A 139 22.38 -1.18 -9.01
C ALA A 139 23.59 -1.96 -9.53
N LYS A 140 23.33 -2.93 -10.43
CA LYS A 140 24.38 -3.75 -11.00
C LYS A 140 24.14 -3.91 -12.52
N GLY A 141 25.10 -4.51 -13.20
CA GLY A 141 25.04 -4.75 -14.64
C GLY A 141 24.98 -3.50 -15.48
N PRO A 142 24.22 -3.56 -16.60
CA PRO A 142 24.13 -2.38 -17.49
C PRO A 142 23.29 -1.23 -16.90
N LEU A 143 22.58 -1.49 -15.80
CA LEU A 143 21.75 -0.49 -15.15
C LEU A 143 22.57 0.48 -14.29
N ALA A 144 23.64 -0.02 -13.64
CA ALA A 144 24.48 0.78 -12.74
C ALA A 144 24.83 2.16 -13.29
N SER A 145 25.28 2.23 -14.56
CA SER A 145 25.66 3.49 -15.21
C SER A 145 24.46 4.37 -15.58
N GLN A 146 23.30 3.76 -15.80
CA GLN A 146 22.09 4.48 -16.17
C GLN A 146 21.41 5.18 -14.98
N ILE A 147 21.34 4.49 -13.81
CA ILE A 147 20.63 5.00 -12.63
C ILE A 147 21.56 5.72 -11.62
N SER A 148 22.87 5.70 -11.87
CA SER A 148 23.86 6.33 -11.00
C SER A 148 23.49 7.80 -10.72
N GLY A 149 23.33 8.13 -9.43
CA GLY A 149 23.05 9.47 -8.95
C GLY A 149 21.61 9.97 -9.06
N LEU A 150 20.69 9.17 -9.68
CA LEU A 150 19.27 9.54 -9.85
C LEU A 150 18.50 9.42 -8.54
N TYR A 151 18.98 8.55 -7.64
CA TYR A 151 18.52 8.35 -6.28
C TYR A 151 19.79 8.32 -5.44
N LEU A 152 19.67 8.67 -4.16
CA LEU A 152 20.84 8.78 -3.31
C LEU A 152 20.70 7.96 -2.03
N PRO A 153 21.79 7.52 -1.38
CA PRO A 153 21.63 6.83 -0.08
C PRO A 153 21.17 7.79 1.05
N TYR A 154 21.58 9.06 0.95
CA TYR A 154 21.25 10.06 1.94
C TYR A 154 21.33 11.44 1.34
N LYS A 155 20.84 12.43 2.09
CA LYS A 155 20.99 13.86 1.74
C LYS A 155 21.13 14.65 3.02
N VAL A 156 22.04 15.59 3.02
CA VAL A 156 22.26 16.51 4.14
C VAL A 156 21.51 17.77 3.78
N LEU A 157 20.49 18.10 4.56
CA LEU A 157 19.66 19.26 4.26
C LEU A 157 19.82 20.43 5.20
N PRO A 158 20.05 21.67 4.65
CA PRO A 158 20.05 22.86 5.52
C PRO A 158 18.64 23.11 6.04
N VAL A 159 18.53 23.32 7.35
CA VAL A 159 17.25 23.63 7.97
C VAL A 159 17.57 24.79 8.88
N GLY A 160 17.21 25.98 8.45
CA GLY A 160 17.55 27.22 9.15
C GLY A 160 19.05 27.37 9.24
N ASP A 161 19.58 27.46 10.48
CA ASP A 161 21.01 27.60 10.74
C ASP A 161 21.69 26.27 11.02
N GLU A 162 20.97 25.14 10.82
CA GLU A 162 21.54 23.82 11.08
C GLU A 162 21.44 22.95 9.84
N VAL A 163 21.89 21.69 10.00
CA VAL A 163 21.81 20.66 8.97
C VAL A 163 21.17 19.40 9.56
N VAL A 164 20.32 18.77 8.78
CA VAL A 164 19.66 17.51 9.15
C VAL A 164 20.03 16.49 8.06
N GLY A 165 20.51 15.34 8.48
CA GLY A 165 20.86 14.26 7.58
C GLY A 165 19.70 13.30 7.44
N ILE A 166 19.30 13.02 6.20
CA ILE A 166 18.18 12.07 5.92
C ILE A 166 18.70 10.84 5.17
N VAL A 167 18.52 9.63 5.74
CA VAL A 167 18.97 8.38 5.08
C VAL A 167 17.72 7.59 4.64
N GLY A 168 17.72 7.07 3.41
CA GLY A 168 16.57 6.31 2.95
C GLY A 168 16.75 4.81 2.98
N TYR A 169 15.64 4.07 2.92
CA TYR A 169 15.62 2.61 2.83
C TYR A 169 14.31 2.15 2.18
N THR A 170 14.33 0.97 1.54
CA THR A 170 13.21 0.37 0.80
C THR A 170 13.13 -1.10 1.17
N SER A 171 11.89 -1.63 1.26
CA SER A 171 11.60 -3.01 1.59
C SER A 171 12.42 -3.98 0.79
N LYS A 172 13.05 -4.96 1.48
CA LYS A 172 13.84 -6.07 0.95
C LYS A 172 12.88 -6.97 0.16
N GLU A 173 11.57 -6.88 0.44
CA GLU A 173 10.61 -7.72 -0.24
C GLU A 173 10.12 -7.13 -1.59
N THR A 174 10.63 -5.93 -2.01
CA THR A 174 10.26 -5.28 -3.30
C THR A 174 10.33 -6.25 -4.53
N PRO A 175 11.39 -7.10 -4.73
CA PRO A 175 11.39 -8.03 -5.90
C PRO A 175 10.21 -9.01 -5.96
N PHE A 176 9.57 -9.28 -4.80
CA PHE A 176 8.44 -10.22 -4.71
C PHE A 176 7.09 -9.48 -4.65
N LEU A 177 7.13 -8.13 -4.67
CA LEU A 177 5.92 -7.30 -4.61
C LEU A 177 5.72 -6.43 -5.84
N SER A 178 6.82 -6.14 -6.56
CA SER A 178 6.81 -5.21 -7.66
C SER A 178 7.62 -5.71 -8.86
N ASN A 179 8.02 -4.78 -9.77
CA ASN A 179 8.79 -5.14 -10.97
C ASN A 179 10.11 -4.38 -11.06
N PRO A 180 11.05 -4.51 -10.08
CA PRO A 180 12.29 -3.72 -10.18
C PRO A 180 13.34 -4.26 -11.18
N GLY A 181 13.10 -5.42 -11.78
CA GLY A 181 14.02 -6.04 -12.73
C GLY A 181 15.18 -6.76 -12.08
N THR A 182 16.06 -7.38 -12.88
CA THR A 182 17.18 -8.20 -12.41
C THR A 182 18.50 -7.45 -12.16
N ASN A 183 18.51 -6.12 -12.26
CA ASN A 183 19.75 -5.37 -12.07
C ASN A 183 19.76 -4.50 -10.83
N LEU A 184 18.85 -4.76 -9.88
CA LEU A 184 18.76 -4.07 -8.61
C LEU A 184 18.77 -5.10 -7.52
N VAL A 185 19.66 -4.91 -6.54
CA VAL A 185 19.80 -5.78 -5.39
C VAL A 185 19.25 -5.00 -4.20
N PHE A 186 18.36 -5.63 -3.44
CA PHE A 186 17.74 -5.06 -2.24
C PHE A 186 18.44 -5.71 -1.03
N GLU A 187 19.36 -4.96 -0.42
CA GLU A 187 20.14 -5.44 0.73
C GLU A 187 19.35 -5.27 2.03
N ASP A 188 19.82 -5.93 3.11
CA ASP A 188 19.24 -5.79 4.45
C ASP A 188 19.33 -4.30 4.82
N GLU A 189 18.22 -3.72 5.28
CA GLU A 189 18.17 -2.31 5.62
C GLU A 189 19.20 -1.92 6.65
N ILE A 190 19.24 -2.62 7.79
CA ILE A 190 20.15 -2.32 8.89
C ILE A 190 21.62 -2.39 8.44
N THR A 191 22.01 -3.44 7.68
CA THR A 191 23.39 -3.54 7.18
C THR A 191 23.78 -2.40 6.23
N ALA A 192 22.85 -1.94 5.40
CA ALA A 192 23.14 -0.86 4.45
C ALA A 192 23.07 0.52 5.09
N LEU A 193 22.23 0.69 6.14
CA LEU A 193 22.05 1.97 6.79
C LEU A 193 23.19 2.34 7.70
N GLN A 194 23.73 1.38 8.49
CA GLN A 194 24.82 1.71 9.44
C GLN A 194 26.03 2.44 8.80
N PRO A 195 26.64 2.00 7.67
CA PRO A 195 27.79 2.76 7.13
C PRO A 195 27.43 4.16 6.64
N GLU A 196 26.17 4.37 6.20
CA GLU A 196 25.69 5.66 5.70
C GLU A 196 25.51 6.65 6.86
N VAL A 197 24.95 6.17 7.99
CA VAL A 197 24.76 6.95 9.22
C VAL A 197 26.14 7.24 9.83
N ASP A 198 27.04 6.23 9.81
CA ASP A 198 28.44 6.36 10.25
C ASP A 198 29.15 7.45 9.45
N LYS A 199 29.00 7.46 8.11
CA LYS A 199 29.55 8.51 7.22
C LYS A 199 29.04 9.91 7.63
N LEU A 200 27.74 10.06 7.95
CA LEU A 200 27.14 11.35 8.37
C LEU A 200 27.73 11.85 9.68
N LYS A 201 27.94 10.96 10.65
CA LYS A 201 28.57 11.29 11.94
C LYS A 201 29.99 11.84 11.73
N THR A 202 30.70 11.35 10.70
CA THR A 202 32.06 11.81 10.43
C THR A 202 32.06 13.20 9.78
N LEU A 203 31.01 13.55 9.01
CA LEU A 203 30.87 14.87 8.39
C LEU A 203 30.25 15.86 9.39
N ASN A 204 30.18 15.45 10.67
CA ASN A 204 29.60 16.18 11.79
C ASN A 204 28.11 16.50 11.64
N VAL A 205 27.36 15.57 11.03
CA VAL A 205 25.89 15.74 10.94
C VAL A 205 25.40 15.03 12.20
N ASN A 206 24.91 15.79 13.19
CA ASN A 206 24.49 15.21 14.46
C ASN A 206 22.96 15.02 14.57
N LYS A 207 22.17 15.39 13.55
CA LYS A 207 20.71 15.21 13.54
C LYS A 207 20.38 14.33 12.34
N ILE A 208 19.90 13.06 12.60
CA ILE A 208 19.71 12.10 11.52
C ILE A 208 18.33 11.45 11.54
N ILE A 209 17.63 11.55 10.41
CA ILE A 209 16.32 10.95 10.21
C ILE A 209 16.46 9.74 9.28
N ALA A 210 15.91 8.55 9.66
CA ALA A 210 15.89 7.40 8.76
C ALA A 210 14.49 7.47 8.16
N LEU A 211 14.41 7.65 6.85
CA LEU A 211 13.15 7.78 6.15
C LEU A 211 13.03 6.62 5.14
N GLY A 212 12.05 5.75 5.31
CA GLY A 212 11.93 4.63 4.40
C GLY A 212 10.66 3.82 4.39
N HIS A 213 10.66 2.81 3.53
CA HIS A 213 9.47 2.01 3.21
C HIS A 213 9.64 0.53 3.40
N SER A 214 9.62 0.07 4.64
CA SER A 214 9.81 -1.38 4.93
C SER A 214 8.78 -1.90 5.93
N GLY A 215 7.95 -1.01 6.46
CA GLY A 215 6.92 -1.41 7.43
C GLY A 215 7.36 -1.16 8.85
N PHE A 216 6.38 -1.03 9.72
CA PHE A 216 6.52 -0.68 11.13
C PHE A 216 7.45 -1.59 11.93
N GLU A 217 7.44 -2.90 11.64
CA GLU A 217 8.31 -3.84 12.33
C GLU A 217 9.77 -3.60 11.97
N MET A 218 10.05 -3.30 10.69
CA MET A 218 11.42 -2.97 10.31
C MET A 218 11.83 -1.62 10.92
N ASP A 219 10.94 -0.60 10.88
CA ASP A 219 11.12 0.73 11.47
C ASP A 219 11.53 0.67 12.93
N LYS A 220 10.87 -0.18 13.73
CA LYS A 220 11.25 -0.35 15.12
C LYS A 220 12.65 -0.96 15.27
N LEU A 221 13.02 -1.91 14.39
CA LEU A 221 14.32 -2.57 14.44
C LEU A 221 15.46 -1.60 14.04
N ILE A 222 15.23 -0.79 13.02
CA ILE A 222 16.17 0.24 12.57
C ILE A 222 16.37 1.24 13.74
N ALA A 223 15.27 1.65 14.43
CA ALA A 223 15.32 2.56 15.59
C ALA A 223 16.19 1.94 16.68
N GLN A 224 16.09 0.62 16.83
CA GLN A 224 16.82 -0.12 17.86
C GLN A 224 18.30 -0.31 17.56
N LYS A 225 18.61 -0.71 16.33
CA LYS A 225 19.91 -1.21 15.86
C LYS A 225 20.79 -0.27 15.09
N VAL A 226 20.24 0.69 14.35
CA VAL A 226 21.12 1.59 13.59
C VAL A 226 21.59 2.77 14.48
N ARG A 227 22.84 2.67 15.02
CA ARG A 227 23.44 3.70 15.89
C ARG A 227 23.50 5.05 15.17
N GLY A 228 22.97 6.09 15.81
CA GLY A 228 22.99 7.45 15.27
C GLY A 228 21.66 7.93 14.70
N VAL A 229 20.72 7.01 14.50
CA VAL A 229 19.40 7.39 13.96
C VAL A 229 18.59 8.04 15.06
N ASP A 230 18.19 9.29 14.85
CA ASP A 230 17.41 10.04 15.86
C ASP A 230 15.89 9.79 15.81
N VAL A 231 15.35 9.63 14.60
CA VAL A 231 13.91 9.45 14.35
C VAL A 231 13.77 8.53 13.17
N VAL A 232 12.70 7.74 13.18
CA VAL A 232 12.33 6.86 12.07
C VAL A 232 10.97 7.26 11.53
N VAL A 233 10.92 7.68 10.24
CA VAL A 233 9.68 8.07 9.55
C VAL A 233 9.41 6.94 8.57
N GLY A 234 8.38 6.13 8.83
CA GLY A 234 8.11 4.97 7.99
C GLY A 234 6.83 4.93 7.17
N GLY A 235 6.61 3.81 6.53
CA GLY A 235 5.45 3.52 5.68
C GLY A 235 5.37 2.04 5.41
N HIS A 236 4.65 1.64 4.35
CA HIS A 236 4.51 0.25 3.86
C HIS A 236 3.46 -0.54 4.59
N SER A 237 3.30 -0.35 5.90
CA SER A 237 2.34 -1.15 6.64
C SER A 237 1.06 -0.37 6.97
N ASN A 238 0.89 0.85 6.38
CA ASN A 238 -0.31 1.71 6.60
C ASN A 238 -0.60 1.85 8.11
N THR A 239 0.47 1.98 8.90
CA THR A 239 0.35 2.04 10.36
C THR A 239 -0.22 3.35 10.83
N PHE A 240 -1.31 3.25 11.62
CA PHE A 240 -1.94 4.40 12.23
C PHE A 240 -1.51 4.45 13.68
N LEU A 241 -0.87 5.54 14.06
CA LEU A 241 -0.38 5.77 15.42
C LEU A 241 -1.07 7.00 15.99
N TYR A 242 -1.51 6.94 17.26
CA TYR A 242 -2.16 8.09 17.89
C TYR A 242 -1.99 8.17 19.40
N THR A 243 -1.89 9.41 19.92
CA THR A 243 -1.84 9.69 21.35
C THR A 243 -3.19 10.37 21.74
N GLY A 244 -3.98 9.70 22.57
CA GLY A 244 -5.28 10.22 22.97
C GLY A 244 -6.41 9.60 22.19
N ASN A 245 -7.52 10.33 22.04
CA ASN A 245 -8.68 9.80 21.34
C ASN A 245 -8.61 10.01 19.83
N PRO A 246 -8.60 8.89 19.05
CA PRO A 246 -8.51 8.99 17.57
C PRO A 246 -9.66 9.80 16.94
N PRO A 247 -9.37 10.58 15.87
CA PRO A 247 -10.41 11.44 15.28
C PRO A 247 -11.32 10.82 14.24
N SER A 248 -11.04 9.57 13.79
CA SER A 248 -11.80 8.88 12.75
C SER A 248 -11.89 7.36 13.00
N LYS A 249 -12.17 6.57 11.92
CA LYS A 249 -12.39 5.13 11.88
C LYS A 249 -11.17 4.34 12.28
N GLU A 250 -9.98 4.85 11.94
CA GLU A 250 -8.69 4.19 12.18
C GLU A 250 -8.41 4.01 13.65
N VAL A 251 -8.11 2.77 14.01
CA VAL A 251 -7.80 2.32 15.37
C VAL A 251 -6.26 2.34 15.49
N PRO A 252 -5.71 3.07 16.48
CA PRO A 252 -4.24 3.16 16.58
C PRO A 252 -3.59 1.84 16.94
N ALA A 253 -2.42 1.56 16.35
CA ALA A 253 -1.64 0.35 16.65
C ALA A 253 -0.68 0.63 17.83
N GLY A 254 -0.63 1.90 18.24
CA GLY A 254 0.20 2.39 19.33
C GLY A 254 0.16 3.90 19.48
N LYS A 255 0.98 4.44 20.39
CA LYS A 255 1.04 5.89 20.60
C LYS A 255 1.84 6.56 19.50
N TYR A 256 1.61 7.85 19.31
CA TYR A 256 2.35 8.64 18.34
C TYR A 256 3.17 9.70 19.08
N PRO A 257 4.54 9.70 19.00
CA PRO A 257 5.40 8.70 18.32
C PRO A 257 5.48 7.39 19.07
N PHE A 258 5.85 6.29 18.37
CA PHE A 258 6.04 5.03 19.05
C PHE A 258 7.48 5.10 19.52
N ILE A 259 7.73 4.87 20.80
CA ILE A 259 9.09 4.99 21.31
C ILE A 259 9.80 3.64 21.34
N VAL A 260 11.00 3.59 20.77
CA VAL A 260 11.88 2.44 20.82
C VAL A 260 13.15 2.91 21.60
N THR A 261 13.62 2.11 22.57
CA THR A 261 14.87 2.37 23.26
C THR A 261 15.92 1.60 22.42
N SER A 262 16.89 2.34 21.86
CA SER A 262 17.95 1.79 21.03
C SER A 262 18.91 0.96 21.91
N ASP A 263 19.69 0.05 21.30
CA ASP A 263 20.65 -0.75 22.05
C ASP A 263 21.73 0.11 22.79
N ASP A 264 22.02 1.35 22.29
CA ASP A 264 22.96 2.27 22.93
C ASP A 264 22.27 3.19 23.98
N GLY A 265 20.98 2.94 24.26
CA GLY A 265 20.21 3.61 25.29
C GLY A 265 19.43 4.87 24.98
N ARG A 266 19.25 5.22 23.71
CA ARG A 266 18.50 6.42 23.35
C ARG A 266 17.03 6.15 23.13
N LYS A 267 16.18 7.18 23.34
CA LYS A 267 14.74 7.08 23.15
C LYS A 267 14.50 7.55 21.73
N VAL A 268 14.14 6.62 20.85
CA VAL A 268 13.97 6.89 19.42
C VAL A 268 12.49 6.88 19.02
N PRO A 269 11.96 8.05 18.62
CA PRO A 269 10.58 8.11 18.13
C PRO A 269 10.44 7.44 16.75
N VAL A 270 9.38 6.64 16.58
CA VAL A 270 9.06 5.93 15.35
C VAL A 270 7.67 6.41 14.92
N VAL A 271 7.57 6.99 13.70
CA VAL A 271 6.31 7.54 13.21
C VAL A 271 5.88 6.92 11.86
N GLN A 272 4.57 6.94 11.61
CA GLN A 272 3.90 6.51 10.39
C GLN A 272 2.58 7.26 10.36
N ALA A 273 1.97 7.45 9.17
CA ALA A 273 0.73 8.24 9.08
C ALA A 273 -0.32 7.57 8.22
N TYR A 274 -0.64 6.29 8.53
CA TYR A 274 -1.67 5.47 7.85
C TYR A 274 -1.43 5.42 6.33
N ALA A 275 -2.38 5.86 5.49
CA ALA A 275 -2.25 5.83 4.03
C ALA A 275 -3.23 6.77 3.35
N PHE A 276 -3.12 6.85 2.02
CA PHE A 276 -4.07 7.54 1.15
C PHE A 276 -4.20 9.07 1.35
N GLY A 277 -3.23 9.68 2.03
CA GLY A 277 -3.27 11.13 2.25
C GLY A 277 -4.39 11.61 3.16
N LYS A 278 -4.95 10.72 3.99
CA LYS A 278 -6.04 11.04 4.92
C LYS A 278 -5.49 11.83 6.11
N TYR A 279 -4.22 11.56 6.49
CA TYR A 279 -3.58 12.25 7.60
C TYR A 279 -2.27 12.84 7.21
N LEU A 280 -1.87 13.98 7.83
CA LEU A 280 -0.53 14.52 7.67
C LEU A 280 0.15 14.21 8.99
N GLY A 281 1.21 13.39 8.96
CA GLY A 281 2.00 13.10 10.16
C GLY A 281 2.62 14.39 10.64
N TYR A 282 2.74 14.58 11.95
CA TYR A 282 3.24 15.83 12.53
C TYR A 282 3.98 15.50 13.80
N LEU A 283 5.30 15.69 13.77
CA LEU A 283 6.14 15.41 14.91
C LEU A 283 7.09 16.55 15.16
N LYS A 284 7.12 17.04 16.40
CA LYS A 284 8.00 18.11 16.79
C LYS A 284 9.08 17.50 17.68
N ILE A 285 10.34 17.68 17.30
CA ILE A 285 11.48 17.13 18.05
C ILE A 285 12.28 18.27 18.62
N GLU A 286 12.63 18.15 19.91
CA GLU A 286 13.48 19.11 20.59
C GLU A 286 14.89 18.48 20.65
N PHE A 287 15.85 19.08 19.94
CA PHE A 287 17.24 18.64 19.95
C PHE A 287 18.06 19.60 20.79
N ASP A 288 19.18 19.11 21.35
CA ASP A 288 20.11 20.02 21.99
C ASP A 288 21.15 20.34 20.90
N GLU A 289 22.14 21.20 21.21
CA GLU A 289 23.21 21.63 20.29
C GLU A 289 24.09 20.47 19.74
N ARG A 290 24.05 19.30 20.41
CA ARG A 290 24.81 18.12 20.00
C ARG A 290 24.00 17.07 19.24
N GLY A 291 22.76 17.41 18.87
CA GLY A 291 21.86 16.50 18.15
C GLY A 291 21.19 15.42 18.99
N ASN A 292 21.27 15.51 20.33
CA ASN A 292 20.59 14.53 21.20
C ASN A 292 19.10 14.92 21.21
N VAL A 293 18.19 13.94 21.23
CA VAL A 293 16.77 14.23 21.29
C VAL A 293 16.37 14.33 22.75
N ILE A 294 15.93 15.52 23.17
CA ILE A 294 15.48 15.82 24.54
C ILE A 294 14.04 15.35 24.72
N SER A 295 13.21 15.68 23.72
CA SER A 295 11.80 15.37 23.71
C SER A 295 11.28 15.36 22.28
N SER A 296 10.08 14.80 22.12
CA SER A 296 9.34 14.70 20.87
C SER A 296 7.88 14.50 21.24
N HIS A 297 6.98 15.09 20.43
CA HIS A 297 5.53 14.96 20.59
C HIS A 297 4.84 15.33 19.28
N GLY A 298 3.61 14.91 19.14
CA GLY A 298 2.79 15.24 17.98
C GLY A 298 1.66 14.29 17.89
N ASN A 299 1.13 14.12 16.66
CA ASN A 299 0.01 13.26 16.28
C ASN A 299 -0.26 13.50 14.80
N PRO A 300 -0.84 12.53 14.06
CA PRO A 300 -1.19 12.80 12.66
C PRO A 300 -2.42 13.72 12.66
N ILE A 301 -2.53 14.57 11.66
CA ILE A 301 -3.61 15.55 11.57
C ILE A 301 -4.60 15.04 10.56
N LEU A 302 -5.91 14.94 10.95
CA LEU A 302 -6.93 14.45 10.04
C LEU A 302 -7.19 15.48 8.98
N LEU A 303 -6.95 15.16 7.70
CA LEU A 303 -7.19 16.18 6.68
C LEU A 303 -8.66 16.09 6.26
N ASP A 304 -9.58 16.58 7.12
CA ASP A 304 -11.01 16.57 6.83
C ASP A 304 -11.50 17.90 6.22
N SER A 305 -12.79 17.97 5.89
CA SER A 305 -13.45 19.12 5.29
C SER A 305 -13.29 20.45 6.04
N SER A 306 -12.92 20.40 7.36
CA SER A 306 -12.73 21.64 8.16
C SER A 306 -11.54 22.43 7.64
N ILE A 307 -10.55 21.74 7.03
CA ILE A 307 -9.36 22.35 6.42
C ILE A 307 -9.71 22.63 4.95
N PRO A 308 -9.81 23.90 4.53
CA PRO A 308 -10.15 24.14 3.11
C PRO A 308 -9.03 23.71 2.16
N GLU A 309 -9.42 23.30 0.94
CA GLU A 309 -8.44 22.91 -0.07
C GLU A 309 -7.83 24.18 -0.59
N ASP A 310 -6.51 24.17 -0.88
CA ASP A 310 -5.86 25.37 -1.42
C ASP A 310 -6.44 25.71 -2.80
N PRO A 311 -6.88 26.96 -3.08
CA PRO A 311 -7.45 27.25 -4.41
C PRO A 311 -6.50 27.03 -5.59
N SER A 312 -5.24 27.48 -5.48
CA SER A 312 -4.24 27.35 -6.54
C SER A 312 -3.98 25.88 -6.86
N ILE A 313 -3.77 25.06 -5.83
CA ILE A 313 -3.53 23.64 -6.04
C ILE A 313 -4.76 22.95 -6.65
N LYS A 314 -5.99 23.33 -6.20
CA LYS A 314 -7.23 22.72 -6.68
C LYS A 314 -7.47 23.01 -8.15
N ALA A 315 -7.14 24.24 -8.58
CA ALA A 315 -7.32 24.65 -9.97
C ALA A 315 -6.31 23.90 -10.86
N ASP A 316 -5.12 23.62 -10.33
CA ASP A 316 -4.10 22.87 -11.05
C ASP A 316 -4.51 21.39 -11.14
N ILE A 317 -5.11 20.84 -10.06
CA ILE A 317 -5.66 19.47 -10.00
C ILE A 317 -6.78 19.35 -11.05
N ASN A 318 -7.70 20.34 -11.09
CA ASN A 318 -8.82 20.39 -12.03
C ASN A 318 -8.39 20.47 -13.50
N LYS A 319 -7.17 21.01 -13.76
CA LYS A 319 -6.57 21.11 -15.10
C LYS A 319 -6.18 19.68 -15.55
N TRP A 320 -5.44 18.96 -14.67
CA TRP A 320 -4.98 17.60 -14.89
C TRP A 320 -6.14 16.61 -14.86
N ARG A 321 -7.25 16.98 -14.19
CA ARG A 321 -8.46 16.16 -14.08
C ARG A 321 -9.18 15.95 -15.43
N ILE A 322 -9.09 16.92 -16.37
CA ILE A 322 -9.76 16.91 -17.69
C ILE A 322 -9.51 15.60 -18.48
N LYS A 323 -8.24 15.23 -18.72
CA LYS A 323 -7.82 14.00 -19.44
C LYS A 323 -8.35 12.71 -18.77
N LEU A 324 -8.51 12.73 -17.44
CA LEU A 324 -9.00 11.58 -16.67
C LEU A 324 -10.52 11.39 -16.75
N ASP A 325 -11.27 12.42 -17.19
CA ASP A 325 -12.73 12.36 -17.29
C ASP A 325 -13.29 11.36 -18.32
N ASP A 326 -12.46 10.88 -19.29
CA ASP A 326 -12.99 9.90 -20.24
C ASP A 326 -13.00 8.47 -19.65
N TYR A 327 -12.54 8.31 -18.40
CA TYR A 327 -12.56 7.02 -17.68
C TYR A 327 -13.77 6.92 -16.73
N SER A 328 -14.62 7.97 -16.72
CA SER A 328 -15.82 8.07 -15.90
C SER A 328 -17.07 8.46 -16.73
N THR A 329 -16.88 8.69 -18.05
CA THR A 329 -17.93 9.04 -19.00
C THR A 329 -18.86 7.85 -19.20
N GLN A 330 -18.29 6.66 -19.42
CA GLN A 330 -19.06 5.44 -19.64
C GLN A 330 -19.37 4.74 -18.32
N GLU A 331 -20.65 4.37 -18.15
CA GLU A 331 -21.19 3.62 -17.03
C GLU A 331 -21.12 2.15 -17.44
N LEU A 332 -20.38 1.35 -16.68
CA LEU A 332 -20.23 -0.07 -16.98
C LEU A 332 -21.44 -0.84 -16.43
N GLY A 333 -21.90 -0.43 -15.25
CA GLY A 333 -23.04 -0.99 -14.56
C GLY A 333 -23.34 -0.22 -13.30
N LYS A 334 -24.21 -0.79 -12.44
CA LYS A 334 -24.62 -0.18 -11.18
C LYS A 334 -24.53 -1.19 -10.03
N THR A 335 -24.27 -0.70 -8.81
CA THR A 335 -24.29 -1.52 -7.58
C THR A 335 -25.37 -0.96 -6.64
N ILE A 336 -26.13 -1.82 -5.97
CA ILE A 336 -27.16 -1.33 -5.05
C ILE A 336 -26.71 -1.58 -3.62
N VAL A 337 -25.47 -2.09 -3.51
CA VAL A 337 -24.81 -2.43 -2.27
C VAL A 337 -23.45 -1.74 -2.20
N TYR A 338 -23.00 -1.44 -0.98
CA TYR A 338 -21.66 -0.91 -0.79
C TYR A 338 -20.74 -2.06 -1.16
N LEU A 339 -19.70 -1.81 -1.99
CA LEU A 339 -18.77 -2.87 -2.42
C LEU A 339 -17.55 -2.77 -1.54
N ASP A 340 -17.53 -3.59 -0.49
CA ASP A 340 -16.52 -3.49 0.52
C ASP A 340 -15.20 -4.11 0.11
N GLY A 341 -14.31 -3.24 -0.38
CA GLY A 341 -12.96 -3.62 -0.75
C GLY A 341 -11.97 -3.03 0.23
N SER A 342 -12.39 -2.77 1.47
CA SER A 342 -11.52 -2.16 2.47
C SER A 342 -10.60 -3.24 2.99
N SER A 343 -9.38 -2.88 3.43
CA SER A 343 -8.43 -3.88 3.96
C SER A 343 -8.88 -4.44 5.33
N GLN A 344 -9.63 -3.66 6.14
CA GLN A 344 -10.12 -4.13 7.45
C GLN A 344 -11.21 -5.22 7.32
N SER A 345 -11.77 -5.34 6.12
CA SER A 345 -12.72 -6.40 5.84
C SER A 345 -12.03 -7.50 5.03
N CYS A 346 -11.45 -7.15 3.86
CA CYS A 346 -10.91 -8.14 2.92
C CYS A 346 -9.68 -8.88 3.40
N ARG A 347 -8.98 -8.40 4.44
CA ARG A 347 -7.81 -9.10 4.98
C ARG A 347 -8.14 -9.85 6.29
N PHE A 348 -9.43 -9.81 6.72
CA PHE A 348 -9.86 -10.36 7.99
C PHE A 348 -11.04 -11.29 7.92
N ARG A 349 -11.87 -11.16 6.89
CA ARG A 349 -13.08 -11.98 6.75
C ARG A 349 -13.60 -11.93 5.31
N GLU A 350 -14.69 -12.68 5.00
CA GLU A 350 -15.31 -12.65 3.67
C GLU A 350 -15.74 -11.20 3.38
N CYS A 351 -15.40 -10.67 2.21
CA CYS A 351 -15.84 -9.28 1.93
C CYS A 351 -16.56 -9.36 0.60
N ASN A 352 -17.61 -8.57 0.43
CA ASN A 352 -18.40 -8.77 -0.80
C ASN A 352 -17.67 -8.31 -2.06
N MET A 353 -16.66 -7.41 -1.96
CA MET A 353 -15.85 -7.06 -3.14
C MET A 353 -15.09 -8.33 -3.59
N GLY A 354 -14.55 -9.09 -2.64
CA GLY A 354 -13.89 -10.36 -2.92
C GLY A 354 -14.78 -11.38 -3.61
N ASN A 355 -16.05 -11.54 -3.15
CA ASN A 355 -17.03 -12.45 -3.74
C ASN A 355 -17.38 -12.04 -5.16
N LEU A 356 -17.58 -10.73 -5.40
CA LEU A 356 -17.85 -10.20 -6.73
C LEU A 356 -16.72 -10.55 -7.69
N ILE A 357 -15.47 -10.23 -7.33
CA ILE A 357 -14.32 -10.48 -8.20
C ILE A 357 -14.17 -11.95 -8.45
N CYS A 358 -14.33 -12.80 -7.41
CA CYS A 358 -14.27 -14.25 -7.66
C CYS A 358 -15.42 -14.76 -8.55
N ASP A 359 -16.64 -14.17 -8.46
CA ASP A 359 -17.76 -14.56 -9.34
C ASP A 359 -17.51 -14.15 -10.80
N ALA A 360 -16.82 -13.01 -11.02
CA ALA A 360 -16.45 -12.53 -12.34
C ALA A 360 -15.38 -13.48 -12.91
N MET A 361 -14.41 -13.94 -12.07
CA MET A 361 -13.37 -14.89 -12.46
C MET A 361 -13.98 -16.22 -12.94
N ILE A 362 -14.86 -16.84 -12.14
CA ILE A 362 -15.53 -18.10 -12.55
C ILE A 362 -16.42 -17.91 -13.81
N ASN A 363 -17.19 -16.80 -13.86
CA ASN A 363 -18.10 -16.50 -14.97
C ASN A 363 -17.38 -16.29 -16.31
N ASN A 364 -16.19 -15.69 -16.28
CA ASN A 364 -15.40 -15.43 -17.49
C ASN A 364 -14.75 -16.70 -18.06
N ASN A 365 -14.62 -17.76 -17.23
CA ASN A 365 -14.01 -19.03 -17.61
C ASN A 365 -15.03 -20.15 -17.95
N LEU A 366 -16.34 -19.89 -17.71
CA LEU A 366 -17.45 -20.83 -17.97
C LEU A 366 -18.40 -20.25 -19.02
N HIS A 376 -14.75 -27.76 -16.83
CA HIS A 376 -15.34 -26.81 -15.90
C HIS A 376 -14.20 -26.31 -14.97
N VAL A 377 -14.43 -25.14 -14.36
CA VAL A 377 -13.58 -24.52 -13.35
C VAL A 377 -14.57 -24.00 -12.35
N SER A 378 -14.58 -24.57 -11.14
CA SER A 378 -15.58 -24.19 -10.15
C SER A 378 -15.06 -23.35 -9.02
N MET A 379 -13.73 -23.32 -8.82
CA MET A 379 -13.09 -22.69 -7.69
C MET A 379 -12.24 -21.46 -8.04
N CYS A 380 -12.26 -20.47 -7.11
CA CYS A 380 -11.53 -19.20 -7.20
C CYS A 380 -10.91 -18.90 -5.86
N ILE A 381 -9.67 -18.37 -5.86
CA ILE A 381 -8.96 -17.85 -4.69
C ILE A 381 -8.33 -16.52 -5.09
N LEU A 382 -8.36 -15.54 -4.20
CA LEU A 382 -7.96 -14.18 -4.48
C LEU A 382 -7.40 -13.55 -3.23
N ASN A 383 -6.12 -13.13 -3.23
CA ASN A 383 -5.50 -12.46 -2.07
C ASN A 383 -6.21 -11.18 -1.81
N GLY A 384 -6.67 -11.02 -0.56
CA GLY A 384 -7.38 -9.83 -0.07
C GLY A 384 -6.59 -8.55 -0.26
N GLY A 385 -5.26 -8.64 -0.12
CA GLY A 385 -4.34 -7.53 -0.32
C GLY A 385 -4.32 -6.99 -1.74
N GLY A 386 -4.77 -7.81 -2.70
CA GLY A 386 -4.87 -7.42 -4.11
C GLY A 386 -6.05 -6.53 -4.39
N ILE A 387 -7.02 -6.46 -3.43
CA ILE A 387 -8.22 -5.59 -3.54
C ILE A 387 -7.80 -4.27 -2.92
N ARG A 388 -7.75 -3.19 -3.71
CA ARG A 388 -7.14 -1.94 -3.29
C ARG A 388 -8.07 -0.78 -2.99
N SER A 389 -9.37 -0.99 -3.13
CA SER A 389 -10.34 0.04 -2.85
C SER A 389 -11.77 -0.48 -2.79
N PRO A 390 -12.60 0.14 -1.92
CA PRO A 390 -14.06 -0.12 -1.99
C PRO A 390 -14.67 0.68 -3.15
N ILE A 391 -15.97 0.49 -3.42
CA ILE A 391 -16.75 1.29 -4.38
C ILE A 391 -18.03 1.60 -3.61
N ASP A 392 -18.38 2.88 -3.53
CA ASP A 392 -19.57 3.36 -2.86
C ASP A 392 -20.75 3.31 -3.85
N GLU A 393 -21.91 2.92 -3.35
CA GLU A 393 -23.16 2.77 -4.13
C GLU A 393 -24.06 4.00 -4.12
N ARG A 394 -23.70 5.08 -3.41
CA ARG A 394 -24.64 6.18 -3.27
C ARG A 394 -24.69 7.15 -4.49
N ASN A 395 -23.67 7.10 -5.39
CA ASN A 395 -23.56 7.95 -6.60
C ASN A 395 -24.61 7.55 -7.70
N ASP A 396 -25.74 6.94 -7.28
CA ASP A 396 -26.79 6.30 -8.08
C ASP A 396 -26.19 4.95 -8.53
N GLY A 397 -25.29 4.42 -7.70
CA GLY A 397 -24.59 3.16 -7.84
C GLY A 397 -23.63 3.00 -9.00
N THR A 398 -23.32 4.09 -9.72
CA THR A 398 -22.48 4.11 -10.90
C THR A 398 -21.12 3.49 -10.69
N ILE A 399 -20.78 2.52 -11.56
CA ILE A 399 -19.48 1.88 -11.59
C ILE A 399 -18.87 2.27 -12.93
N THR A 400 -17.77 2.99 -12.86
CA THR A 400 -17.02 3.46 -14.01
C THR A 400 -15.72 2.74 -14.03
N TRP A 401 -14.95 2.91 -15.12
CA TRP A 401 -13.61 2.36 -15.30
C TRP A 401 -12.68 2.93 -14.22
N GLU A 402 -12.93 4.20 -13.84
CA GLU A 402 -12.17 4.91 -12.80
C GLU A 402 -12.37 4.23 -11.42
N ASN A 403 -13.61 3.83 -11.07
CA ASN A 403 -13.91 3.16 -9.81
C ASN A 403 -13.20 1.83 -9.75
N LEU A 404 -13.29 1.06 -10.85
CA LEU A 404 -12.67 -0.26 -10.96
C LEU A 404 -11.16 -0.20 -10.94
N ALA A 405 -10.56 0.85 -11.58
CA ALA A 405 -9.12 1.09 -11.64
C ALA A 405 -8.48 1.25 -10.27
N ALA A 406 -9.23 1.78 -9.31
CA ALA A 406 -8.75 1.91 -7.94
C ALA A 406 -8.83 0.55 -7.23
N VAL A 407 -9.78 -0.33 -7.61
CA VAL A 407 -9.93 -1.66 -6.99
C VAL A 407 -8.82 -2.60 -7.46
N LEU A 408 -8.55 -2.59 -8.78
CA LEU A 408 -7.58 -3.44 -9.47
C LEU A 408 -6.67 -2.56 -10.33
N PRO A 409 -5.62 -1.98 -9.70
CA PRO A 409 -4.73 -1.07 -10.42
C PRO A 409 -3.45 -1.67 -11.03
N PHE A 410 -3.12 -2.93 -10.69
CA PHE A 410 -1.89 -3.61 -11.07
CA PHE A 410 -1.90 -3.62 -11.08
C PHE A 410 -1.82 -4.13 -12.51
N GLY A 411 -2.97 -4.36 -13.14
CA GLY A 411 -3.01 -4.88 -14.50
C GLY A 411 -2.54 -6.32 -14.61
N GLY A 412 -2.89 -7.12 -13.61
CA GLY A 412 -2.53 -8.53 -13.57
C GLY A 412 -3.48 -9.35 -14.41
N THR A 413 -3.34 -10.67 -14.31
CA THR A 413 -4.21 -11.58 -15.04
C THR A 413 -4.83 -12.56 -14.08
N PHE A 414 -6.00 -13.10 -14.44
CA PHE A 414 -6.64 -14.14 -13.65
C PHE A 414 -6.39 -15.42 -14.41
N ASP A 415 -5.51 -16.28 -13.87
CA ASP A 415 -5.05 -17.50 -14.51
C ASP A 415 -5.71 -18.77 -14.00
N LEU A 416 -5.65 -19.82 -14.81
CA LEU A 416 -6.16 -21.14 -14.46
C LEU A 416 -4.95 -21.96 -14.01
N VAL A 417 -5.13 -22.69 -12.91
CA VAL A 417 -4.07 -23.48 -12.28
C VAL A 417 -4.65 -24.86 -11.85
N GLN A 418 -3.84 -25.93 -11.84
CA GLN A 418 -4.32 -27.24 -11.38
C GLN A 418 -3.65 -27.59 -10.07
N LEU A 419 -4.43 -27.77 -9.01
CA LEU A 419 -3.84 -28.00 -7.69
C LEU A 419 -4.27 -29.27 -7.00
N LYS A 420 -3.34 -29.87 -6.25
CA LYS A 420 -3.60 -31.07 -5.43
C LYS A 420 -4.52 -30.60 -4.31
N GLY A 421 -5.29 -31.52 -3.74
CA GLY A 421 -6.17 -31.18 -2.62
C GLY A 421 -5.33 -30.73 -1.45
N SER A 422 -4.18 -31.43 -1.25
CA SER A 422 -3.16 -31.18 -0.22
C SER A 422 -2.51 -29.80 -0.37
N THR A 423 -2.28 -29.36 -1.63
CA THR A 423 -1.66 -28.06 -1.95
C THR A 423 -2.64 -26.93 -1.54
N LEU A 424 -3.91 -27.08 -1.98
CA LEU A 424 -4.97 -26.13 -1.68
C LEU A 424 -5.18 -25.97 -0.18
N LYS A 425 -5.11 -27.07 0.58
CA LYS A 425 -5.23 -27.07 2.05
C LYS A 425 -4.06 -26.28 2.67
N LYS A 426 -2.82 -26.46 2.14
CA LYS A 426 -1.62 -25.74 2.60
C LYS A 426 -1.79 -24.25 2.34
N ALA A 427 -2.35 -23.89 1.17
CA ALA A 427 -2.63 -22.51 0.77
C ALA A 427 -3.60 -21.88 1.79
N PHE A 428 -4.69 -22.61 2.18
CA PHE A 428 -5.67 -22.09 3.15
C PHE A 428 -5.11 -22.00 4.56
N GLU A 429 -4.12 -22.86 4.88
CA GLU A 429 -3.43 -22.79 6.17
C GLU A 429 -2.48 -21.58 6.17
N HIS A 430 -1.89 -21.26 5.00
CA HIS A 430 -1.02 -20.12 4.82
C HIS A 430 -1.81 -18.82 4.92
N SER A 431 -3.05 -18.86 4.40
CA SER A 431 -4.03 -17.76 4.37
C SER A 431 -4.25 -17.10 5.74
N VAL A 432 -4.19 -17.91 6.82
CA VAL A 432 -4.46 -17.50 8.20
C VAL A 432 -3.32 -17.80 9.17
N HIS A 433 -2.11 -18.15 8.67
CA HIS A 433 -0.97 -18.57 9.50
C HIS A 433 -0.51 -17.51 10.52
N ARG A 434 -0.59 -16.22 10.14
CA ARG A 434 -0.23 -15.07 11.00
C ARG A 434 -1.43 -14.11 11.05
N TYR A 435 -2.67 -14.68 11.08
CA TYR A 435 -3.90 -13.90 11.14
C TYR A 435 -3.84 -12.82 12.23
N GLY A 436 -4.39 -11.65 11.91
CA GLY A 436 -4.51 -10.55 12.86
C GLY A 436 -3.61 -9.37 12.61
N GLN A 437 -2.75 -9.46 11.58
CA GLN A 437 -1.80 -8.41 11.27
C GLN A 437 -2.17 -7.60 10.01
N SER A 438 -3.38 -7.82 9.42
CA SER A 438 -3.82 -7.07 8.21
C SER A 438 -2.86 -7.33 7.02
N THR A 439 -2.45 -8.59 6.93
CA THR A 439 -1.57 -9.14 5.92
C THR A 439 -2.40 -9.54 4.66
N GLY A 440 -1.83 -9.25 3.48
CA GLY A 440 -2.49 -9.46 2.20
C GLY A 440 -2.87 -10.85 1.72
N GLU A 441 -2.24 -11.90 2.29
CA GLU A 441 -2.43 -13.30 1.88
C GLU A 441 -3.77 -13.92 2.24
N PHE A 442 -4.58 -13.25 3.09
CA PHE A 442 -5.90 -13.75 3.49
C PHE A 442 -6.71 -13.87 2.21
N LEU A 443 -7.26 -15.07 1.94
CA LEU A 443 -7.95 -15.34 0.67
C LEU A 443 -9.44 -15.13 0.65
N GLN A 444 -9.88 -14.42 -0.39
CA GLN A 444 -11.29 -14.28 -0.77
C GLN A 444 -11.53 -15.47 -1.73
N VAL A 445 -12.74 -16.03 -1.73
CA VAL A 445 -12.99 -17.27 -2.47
C VAL A 445 -14.25 -17.26 -3.34
N GLY A 446 -14.34 -18.28 -4.17
CA GLY A 446 -15.48 -18.57 -5.03
C GLY A 446 -15.52 -20.08 -5.21
N GLY A 447 -16.69 -20.66 -5.03
CA GLY A 447 -16.88 -22.11 -5.17
C GLY A 447 -16.20 -22.90 -4.08
N ILE A 448 -15.98 -22.25 -2.91
CA ILE A 448 -15.27 -22.86 -1.79
C ILE A 448 -15.94 -22.42 -0.50
N HIS A 449 -16.13 -23.36 0.45
CA HIS A 449 -16.70 -23.02 1.76
C HIS A 449 -15.68 -23.45 2.81
N VAL A 450 -14.91 -22.48 3.33
CA VAL A 450 -13.85 -22.74 4.31
C VAL A 450 -14.26 -22.32 5.71
N VAL A 451 -13.89 -23.13 6.72
CA VAL A 451 -14.13 -22.82 8.13
C VAL A 451 -12.77 -22.87 8.85
N TYR A 452 -12.41 -21.77 9.51
CA TYR A 452 -11.19 -21.59 10.27
C TYR A 452 -11.46 -21.64 11.77
N ASP A 453 -10.52 -22.20 12.55
CA ASP A 453 -10.57 -22.16 14.01
C ASP A 453 -9.25 -21.56 14.40
N LEU A 454 -9.27 -20.24 14.68
CA LEU A 454 -8.07 -19.47 15.01
C LEU A 454 -7.44 -19.81 16.36
N SER A 455 -8.18 -20.53 17.22
CA SER A 455 -7.69 -20.96 18.52
C SER A 455 -6.60 -22.06 18.38
N ARG A 456 -6.51 -22.68 17.18
CA ARG A 456 -5.56 -23.72 16.81
C ARG A 456 -4.21 -23.18 16.33
N LYS A 457 -3.19 -24.04 16.33
CA LYS A 457 -1.81 -23.76 15.92
C LYS A 457 -1.69 -23.35 14.45
N PRO A 458 -0.83 -22.34 14.08
CA PRO A 458 -0.62 -22.04 12.65
C PRO A 458 -0.27 -23.31 11.86
N GLY A 459 -0.83 -23.43 10.66
CA GLY A 459 -0.65 -24.60 9.82
C GLY A 459 -1.66 -25.71 10.10
N ASP A 460 -2.56 -25.49 11.11
CA ASP A 460 -3.61 -26.43 11.51
C ASP A 460 -4.94 -25.71 11.93
N ARG A 461 -5.25 -24.56 11.29
CA ARG A 461 -6.44 -23.76 11.57
C ARG A 461 -7.65 -24.05 10.65
N VAL A 462 -7.45 -24.78 9.53
CA VAL A 462 -8.55 -25.14 8.63
C VAL A 462 -9.28 -26.34 9.25
N VAL A 463 -10.54 -26.13 9.70
CA VAL A 463 -11.30 -27.23 10.32
C VAL A 463 -12.32 -27.82 9.35
N LYS A 464 -12.66 -27.06 8.29
CA LYS A 464 -13.60 -27.49 7.25
C LYS A 464 -13.23 -26.83 5.95
N LEU A 465 -13.25 -27.60 4.86
CA LEU A 465 -12.93 -27.09 3.53
C LEU A 465 -13.76 -27.88 2.53
N ASP A 466 -14.87 -27.27 2.11
CA ASP A 466 -15.77 -27.91 1.14
C ASP A 466 -15.65 -27.22 -0.18
N VAL A 467 -15.60 -28.00 -1.26
CA VAL A 467 -15.46 -27.45 -2.60
C VAL A 467 -16.61 -27.88 -3.52
N LEU A 468 -16.87 -27.06 -4.54
CA LEU A 468 -17.90 -27.26 -5.53
C LEU A 468 -17.42 -28.26 -6.55
N CYS A 469 -18.15 -29.37 -6.72
CA CYS A 469 -17.75 -30.38 -7.70
C CYS A 469 -17.77 -29.84 -9.16
N THR A 470 -16.93 -30.44 -10.00
CA THR A 470 -16.88 -30.12 -11.42
C THR A 470 -17.32 -31.36 -12.18
N LYS A 471 -17.00 -32.55 -11.62
CA LYS A 471 -17.34 -33.85 -12.18
C LYS A 471 -18.70 -34.35 -11.63
N CYS A 472 -19.74 -33.54 -11.89
CA CYS A 472 -21.13 -33.76 -11.45
C CYS A 472 -22.04 -33.00 -12.39
N ARG A 473 -23.28 -33.47 -12.57
CA ARG A 473 -24.24 -32.77 -13.40
C ARG A 473 -24.88 -31.62 -12.63
N VAL A 474 -25.13 -31.83 -11.31
CA VAL A 474 -25.65 -30.82 -10.38
C VAL A 474 -24.47 -30.46 -9.48
N PRO A 475 -23.97 -29.21 -9.57
CA PRO A 475 -22.88 -28.78 -8.69
C PRO A 475 -23.36 -28.66 -7.25
N SER A 476 -22.57 -29.21 -6.32
CA SER A 476 -22.84 -29.19 -4.88
C SER A 476 -21.51 -29.26 -4.16
N TYR A 477 -21.52 -29.00 -2.86
CA TYR A 477 -20.33 -28.91 -2.04
C TYR A 477 -20.02 -30.19 -1.33
N ASP A 478 -18.79 -30.66 -1.49
CA ASP A 478 -18.30 -31.87 -0.88
C ASP A 478 -16.96 -31.59 -0.24
N PRO A 479 -16.59 -32.31 0.84
CA PRO A 479 -15.29 -32.08 1.47
C PRO A 479 -14.13 -32.24 0.50
N LEU A 480 -13.19 -31.28 0.49
CA LEU A 480 -12.00 -31.33 -0.37
C LEU A 480 -11.19 -32.62 -0.03
N LYS A 481 -10.66 -33.30 -1.04
CA LYS A 481 -9.89 -34.53 -0.87
C LYS A 481 -8.45 -34.22 -1.17
N MET A 482 -7.54 -34.63 -0.27
CA MET A 482 -6.11 -34.36 -0.38
C MET A 482 -5.48 -34.97 -1.63
N ASP A 483 -5.92 -36.18 -2.02
CA ASP A 483 -5.40 -36.94 -3.17
C ASP A 483 -6.12 -36.66 -4.50
N GLU A 484 -6.91 -35.59 -4.56
CA GLU A 484 -7.66 -35.14 -5.74
C GLU A 484 -6.98 -33.94 -6.37
N VAL A 485 -7.32 -33.61 -7.63
CA VAL A 485 -6.75 -32.44 -8.30
C VAL A 485 -7.88 -31.50 -8.77
N TYR A 486 -7.72 -30.18 -8.57
CA TYR A 486 -8.75 -29.17 -8.86
C TYR A 486 -8.24 -28.05 -9.73
N LYS A 487 -9.13 -27.48 -10.55
CA LYS A 487 -8.87 -26.34 -11.42
C LYS A 487 -9.24 -25.07 -10.61
N VAL A 488 -8.28 -24.17 -10.39
CA VAL A 488 -8.49 -22.93 -9.60
C VAL A 488 -8.20 -21.70 -10.46
N ILE A 489 -9.05 -20.69 -10.41
CA ILE A 489 -8.81 -19.39 -11.05
C ILE A 489 -8.26 -18.50 -9.94
N LEU A 490 -7.12 -17.91 -10.20
CA LEU A 490 -6.44 -17.06 -9.22
C LEU A 490 -5.56 -16.02 -9.92
N PRO A 491 -5.14 -14.91 -9.24
CA PRO A 491 -4.25 -13.95 -9.92
C PRO A 491 -2.89 -14.57 -10.20
N ASN A 492 -2.27 -14.20 -11.33
CA ASN A 492 -0.92 -14.67 -11.72
C ASN A 492 0.08 -14.44 -10.58
N PHE A 493 -0.13 -13.37 -9.79
CA PHE A 493 0.65 -13.01 -8.60
C PHE A 493 0.74 -14.21 -7.65
N LEU A 494 -0.40 -14.88 -7.41
CA LEU A 494 -0.47 -16.08 -6.56
C LEU A 494 0.09 -17.30 -7.28
N ALA A 495 -0.13 -17.41 -8.61
CA ALA A 495 0.42 -18.53 -9.39
C ALA A 495 1.95 -18.49 -9.39
N ASN A 496 2.56 -17.28 -9.27
CA ASN A 496 4.00 -17.13 -9.20
C ASN A 496 4.54 -17.16 -7.74
N GLY A 497 3.74 -17.61 -6.79
CA GLY A 497 4.17 -17.72 -5.39
C GLY A 497 4.20 -16.46 -4.55
N GLY A 498 3.51 -15.42 -5.02
CA GLY A 498 3.38 -14.14 -4.32
C GLY A 498 2.68 -14.30 -2.99
N ASP A 499 2.94 -13.36 -2.05
CA ASP A 499 2.37 -13.39 -0.70
C ASP A 499 2.77 -14.60 0.13
N GLY A 500 3.89 -15.23 -0.23
CA GLY A 500 4.43 -16.37 0.47
C GLY A 500 3.76 -17.68 0.13
N PHE A 501 2.98 -17.71 -0.96
CA PHE A 501 2.31 -18.91 -1.43
C PHE A 501 3.27 -19.79 -2.24
N GLN A 502 4.40 -20.15 -1.61
CA GLN A 502 5.47 -20.95 -2.20
C GLN A 502 4.96 -22.31 -2.66
N MET A 503 4.01 -22.93 -1.91
CA MET A 503 3.41 -24.22 -2.26
C MET A 503 2.65 -24.18 -3.58
N ILE A 504 2.03 -23.05 -3.95
CA ILE A 504 1.28 -22.91 -5.20
C ILE A 504 2.27 -22.96 -6.35
N LYS A 505 3.30 -22.07 -6.36
CA LYS A 505 4.36 -22.02 -7.39
C LYS A 505 5.08 -23.37 -7.47
N ASP A 506 5.43 -23.94 -6.30
CA ASP A 506 6.15 -25.20 -6.22
C ASP A 506 5.34 -26.42 -6.61
N GLU A 507 4.15 -26.59 -6.01
CA GLU A 507 3.34 -27.79 -6.17
C GLU A 507 2.30 -27.79 -7.31
N LEU A 508 2.07 -26.66 -8.03
CA LEU A 508 1.04 -26.64 -9.08
C LEU A 508 1.31 -27.67 -10.14
N LEU A 509 0.26 -28.33 -10.59
CA LEU A 509 0.36 -29.38 -11.59
C LEU A 509 0.15 -28.88 -13.01
N ARG A 510 -0.38 -27.66 -13.19
CA ARG A 510 -0.60 -27.03 -14.50
C ARG A 510 -0.88 -25.52 -14.28
N HIS A 511 -0.48 -24.67 -15.25
CA HIS A 511 -0.65 -23.21 -15.22
C HIS A 511 -0.94 -22.67 -16.60
N ASP A 512 -2.06 -21.98 -16.75
CA ASP A 512 -2.44 -21.35 -18.02
C ASP A 512 -2.72 -19.88 -17.73
N SER A 513 -2.17 -18.98 -18.58
CA SER A 513 -2.39 -17.56 -18.41
C SER A 513 -3.80 -17.20 -18.81
N GLY A 514 -4.41 -16.29 -18.08
CA GLY A 514 -5.77 -15.89 -18.34
C GLY A 514 -5.92 -14.48 -18.86
N ASP A 515 -7.11 -13.92 -18.64
CA ASP A 515 -7.48 -12.59 -19.07
C ASP A 515 -7.12 -11.52 -18.03
N GLN A 516 -7.01 -10.28 -18.51
CA GLN A 516 -6.65 -9.10 -17.72
C GLN A 516 -7.69 -8.87 -16.64
N ASP A 517 -7.23 -8.83 -15.38
CA ASP A 517 -8.06 -8.71 -14.18
C ASP A 517 -9.20 -7.68 -14.27
N ILE A 518 -8.89 -6.43 -14.62
CA ILE A 518 -9.89 -5.36 -14.69
C ILE A 518 -10.92 -5.66 -15.79
N ASN A 519 -10.50 -6.22 -16.94
CA ASN A 519 -11.43 -6.53 -18.03
C ASN A 519 -12.41 -7.65 -17.67
N VAL A 520 -11.97 -8.66 -16.88
CA VAL A 520 -12.78 -9.77 -16.38
C VAL A 520 -13.94 -9.22 -15.53
N VAL A 521 -13.62 -8.32 -14.59
CA VAL A 521 -14.58 -7.72 -13.65
C VAL A 521 -15.50 -6.73 -14.38
N SER A 522 -14.93 -5.93 -15.30
CA SER A 522 -15.68 -4.98 -16.11
C SER A 522 -16.74 -5.67 -17.00
N THR A 523 -16.35 -6.77 -17.69
CA THR A 523 -17.22 -7.55 -18.60
C THR A 523 -18.39 -8.15 -17.81
N TYR A 524 -18.10 -8.63 -16.58
CA TYR A 524 -19.09 -9.24 -15.70
C TYR A 524 -20.12 -8.22 -15.21
N ILE A 525 -19.67 -7.04 -14.77
CA ILE A 525 -20.55 -5.96 -14.29
C ILE A 525 -21.49 -5.52 -15.40
N SER A 526 -20.94 -5.34 -16.63
CA SER A 526 -21.71 -4.98 -17.84
C SER A 526 -22.80 -6.02 -18.15
N LYS A 527 -22.49 -7.32 -17.94
CA LYS A 527 -23.39 -8.44 -18.18
C LYS A 527 -24.51 -8.44 -17.16
N MET A 528 -24.16 -8.24 -15.88
CA MET A 528 -25.12 -8.25 -14.79
C MET A 528 -26.02 -7.02 -14.77
N LYS A 529 -25.51 -5.87 -15.27
CA LYS A 529 -26.17 -4.55 -15.34
C LYS A 529 -26.33 -3.92 -13.96
N VAL A 530 -26.91 -4.67 -12.99
CA VAL A 530 -27.10 -4.29 -11.59
C VAL A 530 -26.52 -5.44 -10.76
N ILE A 531 -25.63 -5.10 -9.83
CA ILE A 531 -24.98 -6.08 -8.97
C ILE A 531 -25.31 -5.82 -7.51
N TYR A 532 -25.29 -6.90 -6.72
CA TYR A 532 -25.61 -6.87 -5.31
C TYR A 532 -24.91 -8.02 -4.57
N PRO A 533 -23.58 -8.16 -4.63
CA PRO A 533 -22.94 -9.29 -3.91
C PRO A 533 -23.11 -9.17 -2.41
N ALA A 534 -23.36 -10.30 -1.77
CA ALA A 534 -23.55 -10.39 -0.33
C ALA A 534 -22.36 -11.13 0.29
N VAL A 535 -22.22 -11.07 1.63
CA VAL A 535 -21.34 -11.89 2.46
C VAL A 535 -22.28 -13.09 2.79
N GLU A 536 -21.97 -14.27 2.24
CA GLU A 536 -22.80 -15.49 2.25
C GLU A 536 -22.41 -16.64 3.19
N GLY A 537 -21.24 -16.60 3.78
CA GLY A 537 -20.76 -17.70 4.60
C GLY A 537 -19.78 -18.57 3.83
N ARG A 538 -19.13 -18.01 2.77
CA ARG A 538 -18.08 -18.73 1.99
C ARG A 538 -16.86 -18.91 2.90
N ILE A 539 -16.65 -17.97 3.85
CA ILE A 539 -15.58 -17.98 4.86
C ILE A 539 -16.19 -17.82 6.25
N LYS A 540 -15.98 -18.81 7.12
CA LYS A 540 -16.49 -18.79 8.48
C LYS A 540 -15.40 -19.04 9.49
N PHE A 541 -15.63 -18.55 10.72
CA PHE A 541 -14.75 -18.74 11.86
C PHE A 541 -15.48 -19.56 12.91
N SER A 542 -14.77 -20.54 13.49
CA SER A 542 -15.27 -21.43 14.53
C SER A 542 -14.48 -21.21 15.81
ZN ZN B . 1.68 1.10 0.05
ZN ZN C . 4.72 -0.59 0.21
CA CA D . 21.77 12.95 17.07
N1 QDH E . 1.30 -6.86 -3.59
N1 QDH E . 1.45 -6.90 -3.39
N3 QDH E . 1.79 -7.57 -7.86
N3 QDH E . 2.14 -6.65 -7.87
C4 QDH E . 1.53 -2.61 1.27
C5 QDH E . -0.86 -7.44 -2.45
C6 QDH E . 1.75 -6.94 -4.84
C6 QDH E . 2.02 -6.76 -4.60
C7 QDH E . 0.76 -7.53 -5.70
C7 QDH E . 1.08 -7.06 -5.64
C8 QDH E . -0.36 -7.78 -4.87
C8 QDH E . -0.14 -7.42 -4.94
C10 QDH E . -0.59 -8.41 -7.51
C10 QDH E . -0.17 -7.48 -7.67
C13 QDH E . 2.28 -6.04 -9.79
C13 QDH E . 2.04 -7.81 -10.11
C15 QDH E . 2.41 -4.55 -11.76
C15 QDH E . 2.59 -10.20 -10.20
C17 QDH E . 1.98 -3.58 -9.58
C17 QDH E . 0.87 -9.30 -11.70
C11 QDH E . 0.68 -7.85 -7.06
C11 QDH E . 1.07 -7.09 -7.06
C9 QDH E . -1.61 -8.63 -6.55
C9 QDH E . -1.26 -7.81 -6.86
CL QDH E . -3.09 -9.41 -7.06
CL QDH E . -2.70 -8.29 -7.68
N2 QDH E . -1.57 -8.33 -5.24
N2 QDH E . -1.34 -7.80 -5.50
N QDH E . 0.01 -7.37 -3.61
N QDH E . 0.13 -7.29 -3.57
C1 QDH E . -0.44 -8.61 -1.53
O1 QDH E . -1.66 -9.20 -1.13
O8 QDH E . -0.79 -6.27 -1.72
C2 QDH E . -0.58 -6.57 -0.37
C QDH E . 0.24 -7.86 -0.41
O QDH E . 0.20 -8.55 0.80
C3 QDH E . 0.35 -5.53 0.31
O2 QDH E . -0.23 -4.29 0.40
P QDH E . -0.02 -3.28 1.61
O7 QDH E . -0.17 -3.90 2.98
O6 QDH E . -1.13 -2.17 1.39
P1 QDH E . 1.83 -2.16 -0.35
O5 QDH E . 1.42 -2.97 -1.52
O4 QDH E . 3.32 -1.70 -0.60
O3 QDH E . 1.08 -0.82 -0.54
F QDH E . 2.04 -4.86 -7.66
F QDH E . 0.42 -7.02 -11.75
C18 QDH E . 2.07 -4.86 -8.99
C18 QDH E . 1.09 -8.02 -11.17
C16 QDH E . 2.13 -3.43 -10.96
C16 QDH E . 1.63 -10.36 -11.20
C14 QDH E . 2.49 -5.82 -11.18
C14 QDH E . 2.80 -8.92 -9.66
C12 QDH E . 2.12 -7.50 -9.29
C12 QDH E . 2.19 -6.50 -9.34
C19 QDH E . 1.09 -8.32 -10.18
C19 QDH E . 3.47 -5.74 -9.75
#